data_7WUO
#
_entry.id   7WUO
#
_cell.length_a   59.559
_cell.length_b   130.632
_cell.length_c   202.500
_cell.angle_alpha   90.000
_cell.angle_beta   90.000
_cell.angle_gamma   90.000
#
_symmetry.space_group_name_H-M   'C 2 2 21'
#
loop_
_entity.id
_entity.type
_entity.pdbx_description
1 polymer 'Riboflavin synthase'
2 non-polymer DI(HYDROXYETHYL)ETHER
3 water water
#
_entity_poly.entity_id   1
_entity_poly.type   'polypeptide(L)'
_entity_poly.pdbx_seq_one_letter_code
;MFTGLVETTGKILEIQETNEGRGFLVETKWVQPDLKLGDSISVNGCCQTVTEFTNEGSRFRFYASFKTLELTNFKFLKVG
EEVNLERSALPTTRLGGHLVSGHVDGTGKILSKEEREGGAVICYTVQNDPSLSRYIAPRGSITVDGISLTVVDSRPKEFD
LVLIPETLKKTNAKSWNSDTILNLEIDLVARYLEQLLKSKELVPRGSLE
;
_entity_poly.pdbx_strand_id   A,B,C
#
loop_
_chem_comp.id
_chem_comp.type
_chem_comp.name
_chem_comp.formula
PEG non-polymer DI(HYDROXYETHYL)ETHER 'C4 H10 O3'
#
# COMPACT_ATOMS: atom_id res chain seq x y z
N MET A 1 -0.32 4.33 6.74
CA MET A 1 -0.15 3.88 5.32
C MET A 1 1.33 4.00 4.95
N PHE A 2 1.95 2.90 4.52
CA PHE A 2 3.40 2.75 4.19
C PHE A 2 3.54 1.81 2.99
N THR A 3 4.73 1.74 2.40
CA THR A 3 4.98 0.82 1.25
C THR A 3 6.06 -0.19 1.61
N GLY A 4 6.49 -0.26 2.86
CA GLY A 4 7.48 -1.24 3.31
C GLY A 4 8.81 -1.04 2.60
N LEU A 5 9.14 0.20 2.27
CA LEU A 5 10.39 0.66 1.62
C LEU A 5 11.14 1.55 2.63
N VAL A 6 12.16 0.97 3.26
CA VAL A 6 12.95 1.58 4.36
C VAL A 6 13.65 2.83 3.86
N GLU A 7 13.31 3.99 4.42
CA GLU A 7 13.89 5.29 4.07
C GLU A 7 15.36 5.30 4.50
N THR A 8 15.59 5.05 5.78
CA THR A 8 16.93 4.92 6.38
C THR A 8 16.80 3.99 7.56
N THR A 9 17.85 3.90 8.39
CA THR A 9 17.80 3.28 9.74
C THR A 9 18.16 4.37 10.76
N GLY A 10 17.96 4.09 12.04
CA GLY A 10 18.34 4.97 13.15
C GLY A 10 18.91 4.14 14.28
N LYS A 11 19.68 4.77 15.16
CA LYS A 11 20.37 4.11 16.30
C LYS A 11 19.49 4.32 17.52
N ILE A 12 19.08 3.25 18.21
CA ILE A 12 18.38 3.38 19.52
C ILE A 12 19.43 3.99 20.46
N LEU A 13 19.13 5.12 21.09
CA LEU A 13 20.11 5.79 21.98
C LEU A 13 19.81 5.44 23.42
N GLU A 14 18.53 5.33 23.71
CA GLU A 14 18.06 5.39 25.11
C GLU A 14 16.77 4.62 25.21
N ILE A 15 16.54 4.00 26.36
CA ILE A 15 15.28 3.26 26.66
C ILE A 15 14.85 3.55 28.10
N GLN A 16 13.68 4.15 28.27
CA GLN A 16 12.97 4.29 29.58
C GLN A 16 12.01 3.12 29.79
N GLU A 17 11.28 3.12 30.89
CA GLU A 17 10.04 2.31 31.08
C GLU A 17 9.15 3.14 32.01
N THR A 18 7.88 3.30 31.67
CA THR A 18 6.99 4.34 32.24
C THR A 18 5.54 3.84 32.16
N ASN A 19 4.59 4.62 32.68
CA ASN A 19 3.12 4.34 32.65
C ASN A 19 2.63 4.21 31.21
N GLU A 20 3.46 4.63 30.23
CA GLU A 20 3.15 4.61 28.77
C GLU A 20 4.11 3.64 28.06
N GLY A 21 4.61 2.65 28.79
CA GLY A 21 5.46 1.58 28.24
C GLY A 21 6.90 2.02 28.07
N ARG A 22 7.70 1.18 27.42
CA ARG A 22 9.13 1.53 27.30
C ARG A 22 9.25 2.59 26.21
N GLY A 23 10.15 3.52 26.48
CA GLY A 23 10.30 4.81 25.80
C GLY A 23 11.59 4.85 25.03
N PHE A 24 11.51 4.89 23.70
CA PHE A 24 12.70 4.84 22.81
C PHE A 24 13.07 6.24 22.33
N LEU A 25 14.34 6.59 22.46
CA LEU A 25 14.95 7.74 21.76
C LEU A 25 15.77 7.22 20.58
N VAL A 26 15.57 7.82 19.41
CA VAL A 26 16.20 7.37 18.15
C VAL A 26 16.81 8.57 17.42
N GLU A 27 17.93 8.33 16.77
CA GLU A 27 18.69 9.32 15.97
C GLU A 27 18.79 8.79 14.54
N THR A 28 18.62 9.67 13.55
CA THR A 28 18.72 9.32 12.11
C THR A 28 18.90 10.59 11.28
N LYS A 29 19.27 10.40 10.01
CA LYS A 29 19.41 11.47 9.00
C LYS A 29 18.32 11.23 7.98
N TRP A 30 17.23 11.97 8.08
CA TRP A 30 16.18 11.97 7.05
C TRP A 30 16.65 12.87 5.91
N VAL A 31 16.31 12.50 4.69
CA VAL A 31 16.08 13.44 3.55
C VAL A 31 14.86 14.29 3.88
N GLN A 32 14.99 15.60 3.87
CA GLN A 32 13.85 16.56 4.03
C GLN A 32 13.07 16.25 5.30
N PRO A 33 13.70 16.38 6.50
CA PRO A 33 13.08 15.98 7.76
C PRO A 33 11.84 16.85 8.03
N ASP A 34 10.70 16.18 8.14
CA ASP A 34 9.39 16.83 8.19
C ASP A 34 8.74 16.55 9.55
N LEU A 35 9.42 15.90 10.50
CA LEU A 35 8.71 15.29 11.65
C LEU A 35 7.90 16.34 12.39
N LYS A 36 6.62 16.03 12.62
CA LYS A 36 5.65 16.80 13.43
C LYS A 36 5.25 15.93 14.63
N LEU A 37 4.92 16.53 15.77
CA LEU A 37 4.37 15.81 16.93
C LEU A 37 3.14 15.03 16.46
N GLY A 38 3.12 13.70 16.61
CA GLY A 38 1.98 12.83 16.26
C GLY A 38 2.09 12.04 14.93
N ASP A 39 2.97 12.43 14.00
CA ASP A 39 3.18 11.73 12.70
C ASP A 39 3.53 10.27 12.97
N SER A 40 3.17 9.37 12.04
CA SER A 40 3.43 7.93 12.17
C SER A 40 4.79 7.59 11.57
N ILE A 41 5.41 6.54 12.10
CA ILE A 41 6.67 5.93 11.59
C ILE A 41 6.68 4.42 11.85
N SER A 42 6.88 3.63 10.80
CA SER A 42 7.04 2.15 10.88
C SER A 42 8.47 1.82 11.31
N VAL A 43 8.62 1.56 12.61
CA VAL A 43 9.88 1.11 13.26
C VAL A 43 9.94 -0.41 13.16
N ASN A 44 10.85 -0.93 12.34
CA ASN A 44 10.93 -2.37 12.00
C ASN A 44 9.50 -2.87 11.77
N GLY A 45 8.77 -2.23 10.85
CA GLY A 45 7.46 -2.67 10.36
C GLY A 45 6.31 -2.40 11.32
N CYS A 46 6.57 -1.68 12.42
CA CYS A 46 5.62 -1.39 13.54
C CYS A 46 5.35 0.12 13.62
N CYS A 47 4.15 0.56 13.22
CA CYS A 47 3.75 1.98 13.28
C CYS A 47 3.90 2.46 14.72
N GLN A 48 4.63 3.53 14.91
CA GLN A 48 4.80 4.19 16.22
C GLN A 48 4.63 5.70 16.05
N THR A 49 4.12 6.36 17.09
CA THR A 49 3.68 7.78 17.04
C THR A 49 4.70 8.62 17.81
N VAL A 50 5.08 9.76 17.22
CA VAL A 50 6.14 10.69 17.68
C VAL A 50 5.59 11.52 18.84
N THR A 51 6.22 11.40 20.02
CA THR A 51 5.89 12.16 21.26
C THR A 51 6.82 13.36 21.42
N GLU A 52 7.91 13.41 20.65
CA GLU A 52 8.86 14.56 20.64
C GLU A 52 9.85 14.39 19.51
N PHE A 53 10.42 15.51 19.02
CA PHE A 53 11.54 15.56 18.04
C PHE A 53 12.45 16.76 18.29
N THR A 54 13.74 16.63 17.97
CA THR A 54 14.73 17.74 17.93
C THR A 54 15.25 17.93 16.50
N ASN A 55 15.58 19.16 16.11
CA ASN A 55 16.03 19.49 14.73
C ASN A 55 15.14 18.80 13.70
N GLU A 56 13.81 18.94 13.87
CA GLU A 56 12.76 18.51 12.92
C GLU A 56 12.89 17.00 12.67
N GLY A 57 13.48 16.24 13.61
CA GLY A 57 13.47 14.76 13.56
C GLY A 57 14.85 14.14 13.61
N SER A 58 15.94 14.90 13.50
CA SER A 58 17.32 14.31 13.57
C SER A 58 17.45 13.39 14.80
N ARG A 59 16.79 13.75 15.89
CA ARG A 59 16.44 12.82 16.99
C ARG A 59 14.93 12.90 17.24
N PHE A 60 14.31 11.81 17.72
CA PHE A 60 12.86 11.74 18.06
C PHE A 60 12.59 10.61 19.06
N ARG A 61 11.59 10.81 19.93
CA ARG A 61 11.14 9.82 20.93
C ARG A 61 9.78 9.29 20.51
N PHE A 62 9.51 8.02 20.83
CA PHE A 62 8.17 7.38 20.77
C PHE A 62 8.03 6.38 21.90
N TYR A 63 6.78 5.98 22.14
CA TYR A 63 6.41 5.12 23.29
C TYR A 63 5.63 3.91 22.78
N ALA A 64 6.09 2.74 23.20
CA ALA A 64 5.49 1.44 22.82
C ALA A 64 4.72 0.87 24.02
N SER A 65 3.40 0.67 23.85
CA SER A 65 2.48 0.04 24.81
C SER A 65 2.95 -1.38 25.13
N PHE A 66 2.63 -1.83 26.33
CA PHE A 66 2.91 -3.20 26.81
C PHE A 66 2.29 -4.21 25.85
N LYS A 67 1.21 -3.81 25.20
CA LYS A 67 0.53 -4.60 24.15
C LYS A 67 1.47 -4.72 22.95
N THR A 68 2.00 -3.61 22.43
CA THR A 68 2.93 -3.64 21.27
C THR A 68 4.23 -4.35 21.71
N LEU A 69 4.51 -4.41 23.01
CA LEU A 69 5.60 -5.25 23.56
C LEU A 69 5.25 -6.75 23.42
N GLU A 70 3.99 -7.14 23.70
CA GLU A 70 3.53 -8.55 23.58
C GLU A 70 3.36 -8.91 22.09
N LEU A 71 2.90 -7.97 21.27
CA LEU A 71 2.60 -8.20 19.84
C LEU A 71 3.91 -8.38 19.05
N THR A 72 4.95 -7.61 19.34
CA THR A 72 6.15 -7.49 18.44
C THR A 72 7.47 -7.93 19.10
N ASN A 73 8.58 -7.76 18.37
CA ASN A 73 9.98 -8.07 18.79
C ASN A 73 10.56 -6.95 19.67
N PHE A 74 9.75 -5.94 20.01
CA PHE A 74 10.23 -4.70 20.69
C PHE A 74 10.86 -5.03 22.04
N LYS A 75 10.44 -6.09 22.71
CA LYS A 75 11.05 -6.52 24.00
C LYS A 75 12.57 -6.68 23.84
N PHE A 76 13.07 -7.02 22.64
CA PHE A 76 14.46 -7.49 22.37
C PHE A 76 15.33 -6.36 21.81
N LEU A 77 14.76 -5.19 21.57
CA LEU A 77 15.55 -3.99 21.19
C LEU A 77 16.46 -3.63 22.34
N LYS A 78 17.74 -3.44 22.05
CA LYS A 78 18.80 -3.06 23.02
C LYS A 78 19.31 -1.69 22.57
N VAL A 79 19.78 -0.87 23.51
CA VAL A 79 20.42 0.44 23.21
C VAL A 79 21.52 0.19 22.19
N GLY A 80 21.60 1.04 21.16
CA GLY A 80 22.64 0.97 20.12
C GLY A 80 22.31 0.07 18.94
N GLU A 81 21.15 -0.61 18.95
CA GLU A 81 20.63 -1.38 17.77
C GLU A 81 20.37 -0.39 16.64
N GLU A 82 20.74 -0.71 15.40
CA GLU A 82 20.27 0.09 14.23
C GLU A 82 18.91 -0.51 13.88
N VAL A 83 17.89 0.31 13.60
CA VAL A 83 16.53 -0.21 13.30
C VAL A 83 15.96 0.48 12.05
N ASN A 84 15.06 -0.22 11.36
CA ASN A 84 14.49 0.15 10.03
C ASN A 84 13.41 1.23 10.21
N LEU A 85 13.48 2.32 9.44
CA LEU A 85 12.53 3.46 9.55
C LEU A 85 11.83 3.71 8.22
N GLU A 86 10.56 4.08 8.30
CA GLU A 86 9.76 4.57 7.15
C GLU A 86 8.64 5.47 7.66
N ARG A 87 8.60 6.73 7.21
CA ARG A 87 7.48 7.67 7.50
C ARG A 87 6.25 7.24 6.72
N SER A 88 5.04 7.55 7.19
CA SER A 88 3.80 7.34 6.40
C SER A 88 4.04 7.96 5.00
N ALA A 89 3.50 7.37 3.95
CA ALA A 89 3.72 7.77 2.54
C ALA A 89 3.20 9.19 2.30
N LEU A 90 3.80 9.91 1.35
CA LEU A 90 3.26 11.17 0.79
C LEU A 90 2.56 10.87 -0.53
N PRO A 91 1.76 11.83 -1.03
CA PRO A 91 1.14 11.64 -2.35
C PRO A 91 2.20 11.55 -3.45
N THR A 92 3.37 12.13 -3.19
CA THR A 92 4.61 11.99 -4.01
C THR A 92 5.57 11.02 -3.31
N THR A 93 5.15 9.77 -3.19
CA THR A 93 5.99 8.66 -2.67
C THR A 93 5.79 7.47 -3.58
N ARG A 94 6.81 7.09 -4.33
CA ARG A 94 6.76 5.81 -5.09
C ARG A 94 6.50 4.69 -4.09
N LEU A 95 5.46 3.88 -4.34
CA LEU A 95 5.14 2.69 -3.50
C LEU A 95 5.94 1.49 -4.02
N GLY A 96 7.26 1.55 -3.79
CA GLY A 96 8.26 0.62 -4.31
C GLY A 96 8.17 -0.74 -3.67
N GLY A 97 7.48 -0.86 -2.54
CA GLY A 97 7.26 -2.16 -1.87
C GLY A 97 5.91 -2.71 -2.28
N HIS A 98 4.91 -2.57 -1.41
CA HIS A 98 3.49 -2.91 -1.69
C HIS A 98 2.63 -2.14 -0.69
N LEU A 99 1.40 -2.61 -0.40
CA LEU A 99 0.47 -1.98 0.55
C LEU A 99 0.82 -2.41 1.97
N VAL A 100 1.29 -1.47 2.79
CA VAL A 100 1.75 -1.78 4.17
C VAL A 100 1.04 -0.93 5.20
N SER A 101 0.38 -1.60 6.14
CA SER A 101 -0.41 -0.98 7.22
C SER A 101 0.54 -0.49 8.32
N GLY A 102 1.65 -1.20 8.52
CA GLY A 102 2.55 -0.98 9.67
C GLY A 102 1.94 -1.54 10.94
N HIS A 103 0.98 -2.44 10.78
CA HIS A 103 0.25 -3.14 11.87
C HIS A 103 0.73 -4.57 11.87
N VAL A 104 1.63 -4.87 12.80
CA VAL A 104 2.24 -6.21 12.95
C VAL A 104 1.12 -7.24 13.19
N ASP A 105 1.17 -8.35 12.45
CA ASP A 105 0.19 -9.47 12.53
C ASP A 105 0.71 -10.50 13.54
N GLY A 106 2.01 -10.72 13.55
CA GLY A 106 2.65 -11.77 14.37
C GLY A 106 4.16 -11.58 14.34
N THR A 107 4.92 -12.47 14.96
CA THR A 107 6.40 -12.46 14.83
C THR A 107 6.84 -13.81 14.27
N GLY A 108 8.11 -13.93 13.88
CA GLY A 108 8.69 -15.11 13.24
C GLY A 108 10.12 -15.30 13.66
N LYS A 109 10.53 -16.52 13.97
CA LYS A 109 11.93 -16.85 14.30
C LYS A 109 12.57 -17.32 12.99
N ILE A 110 13.84 -16.94 12.80
CA ILE A 110 14.71 -17.51 11.72
C ILE A 110 14.97 -18.98 12.07
N LEU A 111 14.73 -19.88 11.13
CA LEU A 111 15.04 -21.31 11.31
C LEU A 111 16.39 -21.60 10.68
N SER A 112 16.60 -21.22 9.42
CA SER A 112 17.85 -21.51 8.67
C SER A 112 18.39 -20.22 8.06
N LYS A 113 19.73 -20.12 7.95
CA LYS A 113 20.43 -19.12 7.10
C LYS A 113 21.23 -19.88 6.05
N GLU A 114 21.60 -19.25 4.92
CA GLU A 114 22.45 -19.87 3.88
C GLU A 114 22.98 -18.79 2.92
N GLU A 115 24.21 -18.96 2.44
CA GLU A 115 24.90 -17.99 1.55
C GLU A 115 25.18 -18.69 0.21
N ARG A 116 24.22 -18.62 -0.72
CA ARG A 116 24.35 -19.09 -2.14
C ARG A 116 25.11 -18.03 -2.98
N GLU A 117 25.61 -18.39 -4.16
CA GLU A 117 26.42 -17.53 -5.06
C GLU A 117 27.55 -16.87 -4.25
N GLY A 118 28.16 -17.59 -3.31
CA GLY A 118 29.30 -17.15 -2.49
C GLY A 118 28.99 -16.02 -1.50
N GLY A 119 27.72 -15.74 -1.18
CA GLY A 119 27.30 -14.68 -0.25
C GLY A 119 26.66 -13.48 -0.94
N ALA A 120 26.25 -13.64 -2.21
CA ALA A 120 25.55 -12.63 -3.06
C ALA A 120 24.03 -12.74 -2.89
N VAL A 121 23.59 -13.80 -2.23
CA VAL A 121 22.17 -14.01 -1.83
C VAL A 121 22.18 -14.74 -0.49
N ILE A 122 21.43 -14.21 0.48
CA ILE A 122 21.24 -14.86 1.81
C ILE A 122 19.85 -15.50 1.82
N CYS A 123 19.79 -16.78 2.20
CA CYS A 123 18.58 -17.63 2.10
C CYS A 123 18.08 -17.91 3.51
N TYR A 124 17.10 -17.14 3.94
CA TYR A 124 16.44 -17.28 5.26
C TYR A 124 15.24 -18.23 5.09
N THR A 125 14.95 -19.01 6.14
CA THR A 125 13.63 -19.65 6.35
C THR A 125 13.05 -19.19 7.69
N VAL A 126 11.75 -18.86 7.70
CA VAL A 126 11.11 -18.15 8.85
C VAL A 126 9.80 -18.83 9.23
N GLN A 127 9.65 -19.04 10.53
CA GLN A 127 8.45 -19.64 11.17
C GLN A 127 7.38 -18.55 11.23
N ASN A 128 6.13 -18.91 11.02
CA ASN A 128 4.98 -17.98 11.18
C ASN A 128 3.84 -18.75 11.87
N ASP A 129 3.02 -18.05 12.63
CA ASP A 129 1.75 -18.62 13.14
C ASP A 129 0.99 -19.22 11.96
N PRO A 130 0.42 -20.44 12.07
CA PRO A 130 -0.21 -21.08 10.92
C PRO A 130 -1.52 -20.35 10.51
N SER A 131 -2.04 -19.50 11.41
CA SER A 131 -3.17 -18.57 11.14
C SER A 131 -2.85 -17.74 9.89
N LEU A 132 -1.56 -17.43 9.68
CA LEU A 132 -1.04 -16.53 8.61
C LEU A 132 -0.67 -17.33 7.36
N SER A 133 -0.30 -18.61 7.48
CA SER A 133 0.19 -19.46 6.36
C SER A 133 -0.62 -19.17 5.08
N ARG A 134 -1.95 -19.04 5.21
CA ARG A 134 -2.91 -18.90 4.08
C ARG A 134 -2.75 -17.57 3.33
N TYR A 135 -2.17 -16.57 3.98
CA TYR A 135 -1.96 -15.21 3.44
C TYR A 135 -0.57 -15.14 2.80
N ILE A 136 0.24 -16.18 2.98
CA ILE A 136 1.67 -16.18 2.57
C ILE A 136 1.80 -17.05 1.33
N ALA A 137 1.67 -16.42 0.15
CA ALA A 137 1.65 -17.02 -1.18
C ALA A 137 3.06 -16.98 -1.76
N PRO A 138 3.55 -18.13 -2.27
CA PRO A 138 4.78 -18.15 -3.08
C PRO A 138 4.70 -17.11 -4.21
N ARG A 139 5.81 -16.39 -4.41
CA ARG A 139 5.94 -15.28 -5.37
C ARG A 139 5.01 -14.12 -4.95
N GLY A 140 4.38 -14.22 -3.77
CA GLY A 140 3.57 -13.13 -3.19
C GLY A 140 4.44 -12.21 -2.36
N SER A 141 3.83 -11.18 -1.80
CA SER A 141 4.53 -10.15 -0.99
C SER A 141 4.35 -10.44 0.49
N ILE A 142 5.16 -9.77 1.31
CA ILE A 142 5.12 -9.80 2.80
C ILE A 142 5.99 -8.67 3.31
N THR A 143 5.78 -8.22 4.55
CA THR A 143 6.54 -7.10 5.15
C THR A 143 7.18 -7.58 6.44
N VAL A 144 8.49 -7.81 6.38
CA VAL A 144 9.32 -8.41 7.47
C VAL A 144 10.16 -7.32 8.11
N ASP A 145 10.01 -7.08 9.40
CA ASP A 145 10.67 -5.96 10.10
C ASP A 145 10.55 -4.72 9.20
N GLY A 146 9.35 -4.53 8.63
CA GLY A 146 9.01 -3.34 7.81
C GLY A 146 9.62 -3.35 6.43
N ILE A 147 10.38 -4.38 6.06
CA ILE A 147 11.02 -4.53 4.72
C ILE A 147 10.04 -5.31 3.82
N SER A 148 9.56 -4.68 2.76
CA SER A 148 8.72 -5.33 1.72
C SER A 148 9.55 -6.36 0.98
N LEU A 149 9.07 -7.60 0.96
CA LEU A 149 9.81 -8.74 0.39
C LEU A 149 8.86 -9.64 -0.35
N THR A 150 9.42 -10.38 -1.31
CA THR A 150 8.71 -11.39 -2.10
C THR A 150 9.00 -12.76 -1.47
N VAL A 151 7.94 -13.48 -1.12
CA VAL A 151 8.10 -14.84 -0.52
C VAL A 151 8.56 -15.74 -1.65
N VAL A 152 9.58 -16.56 -1.43
CA VAL A 152 10.16 -17.40 -2.52
C VAL A 152 9.37 -18.69 -2.63
N ASP A 153 9.18 -19.35 -1.49
CA ASP A 153 8.22 -20.46 -1.33
C ASP A 153 7.67 -20.31 0.09
N SER A 154 6.50 -20.89 0.32
CA SER A 154 5.84 -20.93 1.64
C SER A 154 5.36 -22.35 1.88
N ARG A 155 5.44 -22.76 3.14
CA ARG A 155 4.82 -24.01 3.66
C ARG A 155 3.83 -23.57 4.73
N PRO A 156 2.97 -24.49 5.22
CA PRO A 156 2.19 -24.21 6.42
C PRO A 156 3.20 -23.91 7.54
N LYS A 157 3.14 -22.73 8.16
CA LYS A 157 3.91 -22.42 9.40
C LYS A 157 5.37 -22.06 9.07
N GLU A 158 5.80 -22.05 7.79
CA GLU A 158 7.10 -21.42 7.43
C GLU A 158 7.05 -20.87 6.00
N PHE A 159 8.05 -20.05 5.66
CA PHE A 159 8.26 -19.51 4.29
C PHE A 159 9.75 -19.26 4.10
N ASP A 160 10.17 -19.14 2.83
CA ASP A 160 11.58 -18.90 2.42
C ASP A 160 11.74 -17.47 1.87
N LEU A 161 12.90 -16.89 2.16
CA LEU A 161 13.32 -15.55 1.67
C LEU A 161 14.69 -15.65 1.02
N VAL A 162 14.96 -14.71 0.13
CA VAL A 162 16.31 -14.48 -0.45
C VAL A 162 16.54 -12.98 -0.49
N LEU A 163 17.74 -12.53 -0.07
CA LEU A 163 18.10 -11.10 -0.05
C LEU A 163 19.39 -10.86 -0.86
N ILE A 164 19.29 -9.98 -1.87
CA ILE A 164 20.39 -9.23 -2.55
C ILE A 164 21.10 -8.42 -1.47
N PRO A 165 22.45 -8.37 -1.48
CA PRO A 165 23.18 -7.77 -0.36
C PRO A 165 22.87 -6.27 -0.20
N GLU A 166 22.49 -5.59 -1.28
CA GLU A 166 22.13 -4.14 -1.27
C GLU A 166 21.05 -3.93 -0.20
N THR A 167 20.09 -4.87 -0.10
CA THR A 167 19.01 -4.84 0.92
C THR A 167 19.65 -5.04 2.30
N LEU A 168 20.48 -6.07 2.47
CA LEU A 168 21.13 -6.44 3.76
C LEU A 168 21.93 -5.28 4.33
N LYS A 169 22.67 -4.55 3.48
CA LYS A 169 23.59 -3.47 3.92
C LYS A 169 22.77 -2.21 4.17
N LYS A 170 21.65 -2.03 3.45
CA LYS A 170 20.83 -0.77 3.48
C LYS A 170 19.83 -0.84 4.64
N THR A 171 19.67 -1.99 5.29
CA THR A 171 18.66 -2.23 6.36
C THR A 171 19.31 -2.87 7.59
N ASN A 172 18.49 -3.30 8.56
CA ASN A 172 18.94 -4.06 9.75
C ASN A 172 19.15 -5.54 9.43
N ALA A 173 18.85 -5.98 8.21
CA ALA A 173 18.87 -7.41 7.81
C ALA A 173 20.28 -7.99 7.95
N LYS A 174 21.34 -7.20 7.75
CA LYS A 174 22.74 -7.64 7.98
C LYS A 174 22.81 -8.41 9.29
N SER A 175 22.10 -7.98 10.34
CA SER A 175 22.24 -8.52 11.71
C SER A 175 21.16 -9.57 12.01
N TRP A 176 20.50 -10.11 10.99
CA TRP A 176 19.58 -11.26 11.13
C TRP A 176 20.39 -12.54 11.33
N ASN A 177 20.11 -13.26 12.42
CA ASN A 177 20.82 -14.51 12.84
C ASN A 177 19.79 -15.48 13.45
N SER A 178 20.24 -16.63 13.92
CA SER A 178 19.37 -17.68 14.51
C SER A 178 18.44 -17.09 15.58
N ASP A 179 18.97 -16.24 16.47
CA ASP A 179 18.28 -15.76 17.71
C ASP A 179 17.35 -14.57 17.41
N THR A 180 17.45 -13.99 16.22
CA THR A 180 16.59 -12.87 15.76
C THR A 180 15.12 -13.32 15.75
N ILE A 181 14.25 -12.43 16.24
CA ILE A 181 12.77 -12.44 16.01
C ILE A 181 12.41 -11.33 15.02
N LEU A 182 11.44 -11.56 14.15
CA LEU A 182 11.07 -10.64 13.04
C LEU A 182 9.59 -10.26 13.14
N ASN A 183 9.26 -8.98 12.95
CA ASN A 183 7.85 -8.50 12.86
C ASN A 183 7.33 -8.82 11.46
N LEU A 184 6.18 -9.51 11.40
CA LEU A 184 5.51 -10.02 10.16
C LEU A 184 4.20 -9.28 9.93
N GLU A 185 4.09 -8.53 8.82
CA GLU A 185 2.79 -8.05 8.29
C GLU A 185 2.49 -8.75 6.96
N ILE A 186 1.47 -9.61 6.96
CA ILE A 186 0.98 -10.24 5.70
C ILE A 186 0.32 -9.17 4.83
N ASP A 187 0.30 -9.43 3.52
CA ASP A 187 -0.30 -8.57 2.47
C ASP A 187 -1.77 -8.31 2.82
N LEU A 188 -2.17 -7.05 2.91
CA LEU A 188 -3.58 -6.62 3.10
C LEU A 188 -4.42 -7.29 2.01
N VAL A 189 -3.90 -7.20 0.79
CA VAL A 189 -4.55 -7.67 -0.45
C VAL A 189 -5.21 -9.01 -0.14
N ALA A 190 -4.44 -9.95 0.41
CA ALA A 190 -4.87 -11.33 0.71
C ALA A 190 -6.12 -11.28 1.62
N ARG A 191 -6.00 -10.54 2.73
CA ARG A 191 -7.05 -10.40 3.76
C ARG A 191 -8.34 -9.93 3.09
N TYR A 192 -8.24 -8.95 2.18
CA TYR A 192 -9.40 -8.35 1.46
C TYR A 192 -9.97 -9.38 0.50
N LEU A 193 -9.11 -10.00 -0.32
CA LEU A 193 -9.53 -11.08 -1.25
C LEU A 193 -10.35 -12.11 -0.48
N GLU A 194 -9.79 -12.62 0.62
CA GLU A 194 -10.40 -13.66 1.48
C GLU A 194 -11.83 -13.25 1.86
N GLN A 195 -12.01 -11.96 2.17
CA GLN A 195 -13.29 -11.38 2.65
C GLN A 195 -14.28 -11.32 1.49
N LEU A 196 -13.81 -10.98 0.31
CA LEU A 196 -14.68 -10.91 -0.90
C LEU A 196 -15.21 -12.32 -1.22
N LEU A 197 -14.43 -13.37 -0.95
CA LEU A 197 -14.80 -14.78 -1.23
C LEU A 197 -15.80 -15.26 -0.20
N LYS A 198 -15.54 -14.99 1.09
CA LYS A 198 -16.40 -15.40 2.23
C LYS A 198 -17.83 -14.92 1.96
N SER A 199 -17.94 -13.64 1.58
CA SER A 199 -19.25 -12.95 1.41
C SER A 199 -19.82 -13.21 0.00
N LYS A 200 -18.97 -13.59 -0.96
CA LYS A 200 -19.40 -13.94 -2.35
C LYS A 200 -19.57 -15.47 -2.40
N GLU A 201 -20.49 -16.00 -1.59
CA GLU A 201 -20.82 -17.46 -1.48
C GLU A 201 -21.51 -17.70 -0.13
N MET B 1 -7.38 13.90 -2.42
CA MET B 1 -7.57 12.74 -1.48
C MET B 1 -7.52 13.20 0.00
N PHE B 2 -7.73 12.23 0.89
CA PHE B 2 -7.54 12.34 2.36
C PHE B 2 -6.93 11.05 2.89
N THR B 3 -6.44 11.08 4.11
CA THR B 3 -5.81 9.89 4.73
C THR B 3 -6.59 9.45 5.98
N GLY B 4 -7.73 10.05 6.24
CA GLY B 4 -8.57 9.67 7.40
C GLY B 4 -7.85 9.89 8.72
N LEU B 5 -7.03 10.93 8.77
CA LEU B 5 -6.31 11.40 9.99
C LEU B 5 -6.86 12.78 10.37
N VAL B 6 -7.70 12.81 11.40
CA VAL B 6 -8.43 14.05 11.83
C VAL B 6 -7.43 15.06 12.37
N GLU B 7 -7.37 16.24 11.76
CA GLU B 7 -6.50 17.37 12.20
C GLU B 7 -6.97 17.87 13.56
N THR B 8 -8.23 18.30 13.61
CA THR B 8 -8.90 18.80 14.82
C THR B 8 -10.38 18.52 14.66
N THR B 9 -11.20 19.06 15.57
CA THR B 9 -12.67 19.10 15.46
C THR B 9 -13.11 20.57 15.45
N GLY B 10 -14.37 20.81 15.10
CA GLY B 10 -15.02 22.13 15.24
C GLY B 10 -16.40 21.99 15.83
N LYS B 11 -16.94 23.10 16.34
CA LYS B 11 -18.29 23.15 16.96
C LYS B 11 -19.23 23.70 15.88
N ILE B 12 -20.31 22.98 15.55
CA ILE B 12 -21.38 23.54 14.69
C ILE B 12 -21.98 24.72 15.46
N LEU B 13 -22.00 25.89 14.88
CA LEU B 13 -22.51 27.11 15.55
C LEU B 13 -23.96 27.37 15.11
N GLU B 14 -24.27 27.07 13.86
CA GLU B 14 -25.49 27.59 13.22
C GLU B 14 -25.90 26.63 12.13
N ILE B 15 -27.19 26.55 11.83
CA ILE B 15 -27.75 25.69 10.75
C ILE B 15 -28.88 26.47 10.03
N GLN B 16 -28.68 26.81 8.75
CA GLN B 16 -29.66 27.50 7.89
C GLN B 16 -30.27 26.45 6.94
N GLU B 17 -31.55 26.12 7.11
CA GLU B 17 -32.34 25.46 6.05
C GLU B 17 -32.12 26.28 4.76
N THR B 18 -31.98 25.64 3.60
CA THR B 18 -31.98 26.36 2.31
C THR B 18 -32.73 25.55 1.26
N ASN B 19 -32.94 26.17 0.11
CA ASN B 19 -33.58 25.61 -1.12
C ASN B 19 -32.83 24.36 -1.60
N GLU B 20 -31.63 24.09 -1.05
CA GLU B 20 -30.75 23.01 -1.55
C GLU B 20 -30.44 22.00 -0.47
N GLY B 21 -30.55 22.37 0.80
CA GLY B 21 -30.21 21.45 1.90
C GLY B 21 -30.05 22.20 3.20
N ARG B 22 -28.98 21.93 3.92
CA ARG B 22 -28.69 22.61 5.21
C ARG B 22 -27.36 23.32 5.11
N GLY B 23 -27.27 24.50 5.76
CA GLY B 23 -26.12 25.41 5.69
C GLY B 23 -25.43 25.50 7.02
N PHE B 24 -24.23 24.92 7.12
CA PHE B 24 -23.55 24.72 8.42
C PHE B 24 -22.47 25.78 8.60
N LEU B 25 -22.49 26.46 9.75
CA LEU B 25 -21.37 27.33 10.18
C LEU B 25 -20.58 26.58 11.25
N VAL B 26 -19.25 26.53 11.12
CA VAL B 26 -18.37 25.75 12.02
C VAL B 26 -17.18 26.61 12.41
N GLU B 27 -16.65 26.35 13.60
CA GLU B 27 -15.53 27.10 14.22
C GLU B 27 -14.42 26.11 14.58
N THR B 28 -13.14 26.50 14.41
CA THR B 28 -11.94 25.82 14.99
C THR B 28 -10.70 26.70 14.86
N LYS B 29 -9.68 26.45 15.68
CA LYS B 29 -8.31 27.00 15.52
C LYS B 29 -7.38 25.84 15.15
N TRP B 30 -6.92 25.78 13.90
CA TRP B 30 -5.95 24.74 13.38
C TRP B 30 -4.64 25.39 12.92
N VAL B 31 -3.53 24.63 12.94
CA VAL B 31 -2.13 25.11 12.77
C VAL B 31 -1.93 25.63 11.35
N GLN B 32 -1.44 26.86 11.19
CA GLN B 32 -1.09 27.50 9.89
C GLN B 32 -2.28 27.43 8.94
N PRO B 33 -3.41 28.12 9.24
CA PRO B 33 -4.59 28.12 8.35
C PRO B 33 -4.24 28.76 6.99
N ASP B 34 -4.26 27.97 5.93
CA ASP B 34 -4.23 28.49 4.55
C ASP B 34 -5.62 28.27 3.96
N LEU B 35 -6.63 28.11 4.82
CA LEU B 35 -8.01 27.74 4.40
C LEU B 35 -8.45 28.77 3.35
N LYS B 36 -8.86 28.30 2.16
CA LYS B 36 -9.13 29.11 0.96
C LYS B 36 -10.58 28.86 0.55
N LEU B 37 -11.27 29.87 0.04
CA LEU B 37 -12.62 29.71 -0.57
C LEU B 37 -12.52 28.60 -1.64
N GLY B 38 -13.26 27.50 -1.52
CA GLY B 38 -13.24 26.41 -2.53
C GLY B 38 -12.59 25.09 -2.10
N ASP B 39 -11.56 25.11 -1.24
CA ASP B 39 -10.81 23.90 -0.77
C ASP B 39 -11.78 22.81 -0.27
N SER B 40 -11.40 21.54 -0.42
CA SER B 40 -12.18 20.38 0.08
C SER B 40 -11.80 20.07 1.52
N ILE B 41 -12.74 19.50 2.27
CA ILE B 41 -12.59 19.13 3.72
C ILE B 41 -13.52 17.96 4.05
N SER B 42 -12.96 16.87 4.60
CA SER B 42 -13.73 15.69 5.09
C SER B 42 -14.29 16.00 6.49
N VAL B 43 -15.55 16.41 6.50
CA VAL B 43 -16.37 16.66 7.72
C VAL B 43 -17.02 15.35 8.17
N ASN B 44 -16.57 14.80 9.30
CA ASN B 44 -16.93 13.44 9.75
C ASN B 44 -16.89 12.49 8.55
N GLY B 45 -15.77 12.44 7.83
CA GLY B 45 -15.53 11.45 6.76
C GLY B 45 -16.22 11.83 5.44
N CYS B 46 -16.87 13.00 5.37
CA CYS B 46 -17.69 13.49 4.21
C CYS B 46 -17.07 14.73 3.58
N CYS B 47 -16.49 14.61 2.38
CA CYS B 47 -15.90 15.75 1.60
C CYS B 47 -16.96 16.84 1.47
N GLN B 48 -16.64 18.05 1.90
CA GLN B 48 -17.49 19.25 1.75
C GLN B 48 -16.60 20.42 1.30
N THR B 49 -17.15 21.36 0.53
CA THR B 49 -16.39 22.50 -0.04
C THR B 49 -16.79 23.76 0.75
N VAL B 50 -15.78 24.55 1.13
CA VAL B 50 -15.95 25.82 1.91
C VAL B 50 -16.42 26.93 0.95
N THR B 51 -17.60 27.49 1.26
CA THR B 51 -18.29 28.58 0.51
C THR B 51 -17.95 29.94 1.13
N GLU B 52 -17.42 29.97 2.36
CA GLU B 52 -17.10 31.22 3.08
C GLU B 52 -16.18 30.89 4.26
N PHE B 53 -15.39 31.87 4.69
CA PHE B 53 -14.57 31.85 5.93
C PHE B 53 -14.51 33.26 6.55
N THR B 54 -14.46 33.32 7.89
CA THR B 54 -14.49 34.57 8.70
C THR B 54 -13.19 34.66 9.53
N ASN B 55 -12.78 35.88 9.91
CA ASN B 55 -11.76 36.07 10.99
C ASN B 55 -10.51 35.25 10.66
N GLU B 56 -10.00 35.37 9.43
CA GLU B 56 -8.71 34.78 8.98
C GLU B 56 -8.76 33.25 9.13
N GLY B 57 -9.96 32.65 9.13
CA GLY B 57 -10.14 31.19 9.09
C GLY B 57 -10.98 30.65 10.24
N SER B 58 -11.04 31.37 11.36
CA SER B 58 -11.57 30.86 12.66
C SER B 58 -12.91 30.14 12.44
N ARG B 59 -13.75 30.69 11.56
CA ARG B 59 -15.07 30.11 11.23
C ARG B 59 -15.16 29.91 9.72
N PHE B 60 -15.97 28.96 9.28
CA PHE B 60 -16.19 28.64 7.85
C PHE B 60 -17.56 28.00 7.66
N ARG B 61 -18.18 28.29 6.52
CA ARG B 61 -19.52 27.75 6.16
C ARG B 61 -19.35 26.78 4.99
N PHE B 62 -20.22 25.77 4.92
CA PHE B 62 -20.35 24.81 3.80
C PHE B 62 -21.81 24.35 3.69
N TYR B 63 -22.16 23.76 2.54
CA TYR B 63 -23.57 23.45 2.19
C TYR B 63 -23.69 21.99 1.76
N ALA B 64 -24.59 21.28 2.43
CA ALA B 64 -24.86 19.84 2.23
C ALA B 64 -26.20 19.67 1.49
N SER B 65 -26.13 19.01 0.33
CA SER B 65 -27.29 18.54 -0.47
C SER B 65 -28.16 17.60 0.35
N PHE B 66 -29.46 17.64 0.06
CA PHE B 66 -30.50 16.72 0.59
C PHE B 66 -30.04 15.27 0.40
N LYS B 67 -29.29 15.00 -0.67
CA LYS B 67 -28.71 13.66 -0.94
C LYS B 67 -27.69 13.35 0.16
N THR B 68 -26.72 14.24 0.41
CA THR B 68 -25.68 14.02 1.43
C THR B 68 -26.38 13.99 2.79
N LEU B 69 -27.54 14.61 2.92
CA LEU B 69 -28.38 14.51 4.15
C LEU B 69 -28.97 13.10 4.29
N GLU B 70 -29.44 12.48 3.21
CA GLU B 70 -30.02 11.10 3.26
C GLU B 70 -28.88 10.08 3.36
N LEU B 71 -27.76 10.33 2.68
CA LEU B 71 -26.61 9.39 2.58
C LEU B 71 -25.91 9.29 3.94
N THR B 72 -25.78 10.40 4.67
CA THR B 72 -24.89 10.50 5.84
C THR B 72 -25.66 10.81 7.13
N ASN B 73 -24.89 10.91 8.22
CA ASN B 73 -25.36 11.22 9.59
C ASN B 73 -25.57 12.74 9.73
N PHE B 74 -25.40 13.53 8.67
CA PHE B 74 -25.52 15.01 8.70
C PHE B 74 -26.94 15.40 9.11
N LYS B 75 -27.93 14.57 8.76
CA LYS B 75 -29.34 14.73 9.19
C LYS B 75 -29.42 14.89 10.72
N PHE B 76 -28.50 14.32 11.51
CA PHE B 76 -28.57 14.27 13.00
C PHE B 76 -27.75 15.37 13.69
N LEU B 77 -26.98 16.14 12.92
CA LEU B 77 -26.11 17.20 13.47
C LEU B 77 -27.02 18.28 14.07
N LYS B 78 -26.70 18.67 15.31
CA LYS B 78 -27.43 19.68 16.11
C LYS B 78 -26.42 20.79 16.39
N VAL B 79 -26.89 22.02 16.60
CA VAL B 79 -26.01 23.16 16.93
C VAL B 79 -25.18 22.78 18.16
N GLY B 80 -23.88 23.05 18.15
CA GLY B 80 -22.95 22.77 19.26
C GLY B 80 -22.32 21.37 19.20
N GLU B 81 -22.71 20.53 18.23
CA GLU B 81 -22.10 19.17 18.04
C GLU B 81 -20.65 19.35 17.58
N GLU B 82 -19.76 18.54 18.14
CA GLU B 82 -18.32 18.47 17.76
C GLU B 82 -18.23 17.66 16.46
N VAL B 83 -17.41 18.08 15.53
CA VAL B 83 -17.33 17.48 14.17
C VAL B 83 -15.86 17.25 13.81
N ASN B 84 -15.53 16.10 13.21
CA ASN B 84 -14.14 15.71 12.79
C ASN B 84 -13.76 16.40 11.49
N LEU B 85 -12.59 17.03 11.43
CA LEU B 85 -12.11 17.82 10.26
C LEU B 85 -10.80 17.26 9.75
N GLU B 86 -10.69 17.17 8.43
CA GLU B 86 -9.42 16.87 7.72
C GLU B 86 -9.41 17.56 6.37
N ARG B 87 -8.43 18.42 6.13
CA ARG B 87 -8.22 19.12 4.85
C ARG B 87 -7.71 18.09 3.84
N SER B 88 -7.99 18.28 2.55
CA SER B 88 -7.40 17.44 1.48
C SER B 88 -5.88 17.48 1.70
N ALA B 89 -5.19 16.40 1.36
CA ALA B 89 -3.72 16.30 1.45
C ALA B 89 -3.05 17.38 0.57
N LEU B 90 -1.86 17.82 0.98
CA LEU B 90 -0.90 18.54 0.10
C LEU B 90 0.16 17.52 -0.28
N PRO B 91 1.03 17.81 -1.25
CA PRO B 91 2.19 16.97 -1.52
C PRO B 91 3.08 16.74 -0.29
N THR B 92 2.98 17.58 0.73
CA THR B 92 3.77 17.47 1.99
C THR B 92 2.94 16.90 3.15
N THR B 93 1.73 16.41 2.90
CA THR B 93 0.92 15.72 3.95
C THR B 93 1.33 14.25 3.94
N ARG B 94 1.75 13.81 5.13
CA ARG B 94 2.01 12.41 5.51
C ARG B 94 0.69 11.66 5.69
N LEU B 95 0.56 10.54 4.98
CA LEU B 95 -0.71 9.76 4.86
C LEU B 95 -0.78 8.72 5.99
N GLY B 96 -1.00 9.24 7.20
CA GLY B 96 -0.88 8.50 8.47
C GLY B 96 -2.01 7.51 8.68
N GLY B 97 -3.10 7.63 7.93
CA GLY B 97 -4.22 6.69 8.00
C GLY B 97 -4.14 5.69 6.88
N HIS B 98 -5.04 5.78 5.89
CA HIS B 98 -4.97 4.97 4.64
C HIS B 98 -5.51 5.81 3.49
N LEU B 99 -5.95 5.17 2.41
CA LEU B 99 -6.45 5.88 1.20
C LEU B 99 -7.93 6.22 1.43
N VAL B 100 -8.24 7.51 1.53
CA VAL B 100 -9.61 7.97 1.87
C VAL B 100 -10.10 8.96 0.82
N SER B 101 -11.23 8.63 0.24
CA SER B 101 -11.92 9.42 -0.83
C SER B 101 -12.65 10.60 -0.18
N GLY B 102 -13.18 10.40 1.02
CA GLY B 102 -14.11 11.36 1.67
C GLY B 102 -15.49 11.23 1.05
N HIS B 103 -15.76 10.13 0.33
CA HIS B 103 -17.05 9.79 -0.30
C HIS B 103 -17.70 8.69 0.54
N VAL B 104 -18.65 9.08 1.39
CA VAL B 104 -19.39 8.18 2.31
C VAL B 104 -20.11 7.10 1.48
N ASP B 105 -19.97 5.85 1.90
CA ASP B 105 -20.55 4.66 1.22
C ASP B 105 -21.90 4.34 1.84
N GLY B 106 -22.04 4.59 3.13
CA GLY B 106 -23.21 4.17 3.92
C GLY B 106 -23.13 4.78 5.31
N THR B 107 -24.05 4.44 6.19
CA THR B 107 -23.93 4.74 7.63
C THR B 107 -23.95 3.41 8.39
N GLY B 108 -23.63 3.48 9.69
CA GLY B 108 -23.67 2.34 10.61
C GLY B 108 -24.13 2.79 11.97
N LYS B 109 -24.96 1.97 12.61
CA LYS B 109 -25.45 2.25 13.97
C LYS B 109 -24.52 1.56 14.97
N ILE B 110 -24.14 2.25 16.05
CA ILE B 110 -23.40 1.63 17.18
C ILE B 110 -24.38 0.72 17.90
N LEU B 111 -23.98 -0.53 18.12
CA LEU B 111 -24.80 -1.52 18.84
C LEU B 111 -24.34 -1.54 20.28
N SER B 112 -23.04 -1.75 20.49
CA SER B 112 -22.45 -1.94 21.82
C SER B 112 -21.29 -0.96 21.99
N LYS B 113 -21.14 -0.45 23.20
CA LYS B 113 -19.88 0.15 23.72
C LYS B 113 -19.37 -0.80 24.82
N GLU B 114 -18.10 -0.71 25.19
CA GLU B 114 -17.53 -1.40 26.37
C GLU B 114 -16.16 -0.81 26.69
N GLU B 115 -15.82 -0.74 27.98
CA GLU B 115 -14.58 -0.13 28.50
C GLU B 115 -13.76 -1.23 29.20
N ARG B 116 -12.96 -1.99 28.45
CA ARG B 116 -12.10 -3.08 29.01
C ARG B 116 -10.75 -2.52 29.48
N GLU B 117 -10.00 -3.32 30.27
CA GLU B 117 -8.69 -2.97 30.87
C GLU B 117 -8.80 -1.61 31.56
N GLY B 118 -9.92 -1.43 32.27
CA GLY B 118 -10.18 -0.30 33.17
C GLY B 118 -10.43 0.99 32.43
N GLY B 119 -10.71 0.99 31.12
CA GLY B 119 -10.99 2.21 30.33
C GLY B 119 -9.83 2.61 29.42
N ALA B 120 -8.86 1.71 29.21
CA ALA B 120 -7.66 1.92 28.37
C ALA B 120 -7.96 1.44 26.93
N VAL B 121 -9.09 0.77 26.72
CA VAL B 121 -9.58 0.40 25.36
C VAL B 121 -11.11 0.46 25.35
N ILE B 122 -11.67 1.13 24.35
CA ILE B 122 -13.15 1.20 24.16
C ILE B 122 -13.52 0.27 23.01
N CYS B 123 -14.51 -0.60 23.23
CA CYS B 123 -14.87 -1.70 22.31
C CYS B 123 -16.23 -1.41 21.69
N TYR B 124 -16.21 -0.81 20.50
CA TYR B 124 -17.46 -0.50 19.76
C TYR B 124 -17.80 -1.67 18.84
N THR B 125 -19.09 -1.96 18.66
CA THR B 125 -19.64 -2.84 17.58
C THR B 125 -20.64 -2.05 16.74
N VAL B 126 -20.54 -2.21 15.41
CA VAL B 126 -21.27 -1.35 14.44
C VAL B 126 -21.93 -2.19 13.38
N GLN B 127 -23.21 -1.88 13.16
CA GLN B 127 -24.07 -2.52 12.14
C GLN B 127 -23.76 -1.89 10.80
N ASN B 128 -23.70 -2.68 9.75
CA ASN B 128 -23.45 -2.18 8.37
C ASN B 128 -24.44 -2.89 7.44
N ASP B 129 -24.91 -2.20 6.41
CA ASP B 129 -25.66 -2.85 5.30
C ASP B 129 -24.80 -4.01 4.81
N PRO B 130 -25.40 -5.19 4.53
CA PRO B 130 -24.62 -6.36 4.13
C PRO B 130 -23.99 -6.18 2.74
N SER B 131 -24.45 -5.17 1.98
CA SER B 131 -23.83 -4.71 0.71
C SER B 131 -22.33 -4.42 0.92
N LEU B 132 -21.99 -3.95 2.13
CA LEU B 132 -20.62 -3.51 2.52
C LEU B 132 -19.83 -4.65 3.19
N SER B 133 -20.51 -5.62 3.82
CA SER B 133 -19.87 -6.71 4.60
C SER B 133 -18.58 -7.18 3.90
N ARG B 134 -18.64 -7.34 2.56
CA ARG B 134 -17.60 -8.00 1.71
C ARG B 134 -16.34 -7.13 1.64
N TYR B 135 -16.48 -5.83 1.92
CA TYR B 135 -15.38 -4.85 1.89
C TYR B 135 -14.75 -4.75 3.27
N ILE B 136 -15.37 -5.35 4.29
CA ILE B 136 -14.98 -5.13 5.71
C ILE B 136 -14.30 -6.40 6.24
N ALA B 137 -12.97 -6.46 6.10
CA ALA B 137 -12.11 -7.62 6.42
C ALA B 137 -11.49 -7.43 7.80
N PRO B 138 -11.55 -8.46 8.66
CA PRO B 138 -10.73 -8.52 9.87
C PRO B 138 -9.26 -8.18 9.62
N ARG B 139 -8.72 -7.32 10.50
CA ARG B 139 -7.34 -6.77 10.43
C ARG B 139 -7.25 -5.88 9.16
N GLY B 140 -8.36 -5.57 8.47
CA GLY B 140 -8.40 -4.58 7.36
C GLY B 140 -8.67 -3.17 7.85
N SER B 141 -8.67 -2.17 6.96
CA SER B 141 -8.93 -0.75 7.31
C SER B 141 -10.37 -0.34 7.01
N ILE B 142 -10.76 0.84 7.50
CA ILE B 142 -12.10 1.49 7.28
C ILE B 142 -12.03 2.94 7.79
N THR B 143 -12.91 3.81 7.31
CA THR B 143 -12.92 5.24 7.69
C THR B 143 -14.30 5.58 8.28
N VAL B 144 -14.34 5.71 9.59
CA VAL B 144 -15.58 5.89 10.40
C VAL B 144 -15.63 7.35 10.87
N ASP B 145 -16.69 8.05 10.50
CA ASP B 145 -16.80 9.51 10.73
C ASP B 145 -15.43 10.16 10.43
N GLY B 146 -14.77 9.75 9.35
CA GLY B 146 -13.51 10.37 8.88
C GLY B 146 -12.29 9.92 9.67
N ILE B 147 -12.46 9.04 10.67
CA ILE B 147 -11.33 8.48 11.47
C ILE B 147 -10.89 7.16 10.83
N SER B 148 -9.65 7.09 10.36
CA SER B 148 -9.04 5.84 9.84
C SER B 148 -8.85 4.84 10.98
N LEU B 149 -9.37 3.62 10.83
CA LEU B 149 -9.41 2.60 11.90
C LEU B 149 -9.21 1.22 11.29
N THR B 150 -8.67 0.30 12.08
CA THR B 150 -8.52 -1.12 11.61
C THR B 150 -9.65 -1.96 12.22
N VAL B 151 -10.35 -2.70 11.37
CA VAL B 151 -11.46 -3.59 11.80
C VAL B 151 -10.83 -4.71 12.61
N VAL B 152 -11.35 -5.04 13.78
CA VAL B 152 -10.75 -6.06 14.68
C VAL B 152 -11.29 -7.43 14.28
N ASP B 153 -12.61 -7.52 14.21
CA ASP B 153 -13.32 -8.69 13.66
C ASP B 153 -14.56 -8.13 12.95
N SER B 154 -15.07 -8.89 11.99
CA SER B 154 -16.23 -8.48 11.17
C SER B 154 -17.09 -9.73 10.97
N ARG B 155 -18.39 -9.53 11.05
CA ARG B 155 -19.41 -10.51 10.63
C ARG B 155 -20.20 -9.88 9.49
N PRO B 156 -21.05 -10.66 8.79
CA PRO B 156 -21.88 -10.12 7.73
C PRO B 156 -22.81 -9.02 8.23
N LYS B 157 -23.13 -8.98 9.51
CA LYS B 157 -24.15 -8.08 10.13
C LYS B 157 -23.45 -6.81 10.65
N GLU B 158 -22.24 -7.01 11.18
CA GLU B 158 -21.58 -6.12 12.14
C GLU B 158 -20.07 -6.20 11.94
N PHE B 159 -19.35 -5.33 12.65
CA PHE B 159 -17.88 -5.39 12.80
C PHE B 159 -17.54 -4.76 14.14
N ASP B 160 -16.34 -5.09 14.64
CA ASP B 160 -15.80 -4.65 15.95
C ASP B 160 -14.65 -3.66 15.75
N LEU B 161 -14.59 -2.64 16.61
CA LEU B 161 -13.50 -1.64 16.70
C LEU B 161 -12.98 -1.60 18.13
N VAL B 162 -11.73 -1.19 18.29
CA VAL B 162 -11.11 -0.93 19.62
C VAL B 162 -10.33 0.38 19.52
N LEU B 163 -10.46 1.27 20.50
CA LEU B 163 -9.89 2.66 20.46
C LEU B 163 -9.10 2.98 21.73
N ILE B 164 -7.99 3.69 21.55
CA ILE B 164 -7.21 4.39 22.60
C ILE B 164 -8.05 5.57 23.06
N PRO B 165 -8.10 5.92 24.35
CA PRO B 165 -8.79 7.12 24.79
C PRO B 165 -8.18 8.39 24.18
N GLU B 166 -6.87 8.38 23.86
CA GLU B 166 -6.17 9.54 23.24
C GLU B 166 -6.98 9.96 21.99
N THR B 167 -7.44 8.96 21.23
CA THR B 167 -8.26 9.18 20.01
C THR B 167 -9.59 9.85 20.41
N LEU B 168 -10.30 9.29 21.39
CA LEU B 168 -11.63 9.76 21.88
C LEU B 168 -11.61 11.24 22.27
N LYS B 169 -10.55 11.74 22.92
CA LYS B 169 -10.46 13.13 23.43
C LYS B 169 -10.23 14.08 22.25
N LYS B 170 -9.43 13.62 21.27
CA LYS B 170 -8.87 14.46 20.18
C LYS B 170 -9.84 14.47 18.98
N THR B 171 -10.92 13.67 19.03
CA THR B 171 -11.93 13.54 17.95
C THR B 171 -13.34 13.68 18.52
N ASN B 172 -14.37 13.41 17.72
CA ASN B 172 -15.79 13.39 18.15
C ASN B 172 -16.13 12.03 18.79
N ALA B 173 -15.19 11.09 18.85
CA ALA B 173 -15.44 9.71 19.33
C ALA B 173 -15.85 9.71 20.80
N LYS B 174 -15.43 10.70 21.59
CA LYS B 174 -16.00 11.02 22.93
C LYS B 174 -17.49 10.70 22.96
N SER B 175 -18.25 11.21 21.97
CA SER B 175 -19.72 11.27 21.97
C SER B 175 -20.31 10.08 21.21
N TRP B 176 -19.52 9.04 20.94
CA TRP B 176 -20.03 7.74 20.45
C TRP B 176 -20.66 6.99 21.61
N ASN B 177 -21.92 6.58 21.47
CA ASN B 177 -22.61 5.67 22.41
C ASN B 177 -23.36 4.60 21.61
N SER B 178 -24.03 3.70 22.32
CA SER B 178 -25.03 2.80 21.71
C SER B 178 -25.98 3.72 20.94
N ASP B 179 -26.17 3.45 19.66
CA ASP B 179 -27.20 4.09 18.80
C ASP B 179 -26.67 5.38 18.16
N THR B 180 -25.41 5.75 18.38
CA THR B 180 -24.71 6.75 17.52
C THR B 180 -24.75 6.31 16.04
N ILE B 181 -25.01 7.25 15.13
CA ILE B 181 -24.89 6.94 13.68
C ILE B 181 -23.53 7.42 13.21
N LEU B 182 -22.86 6.58 12.42
CA LEU B 182 -21.49 6.84 11.94
C LEU B 182 -21.46 6.82 10.41
N ASN B 183 -20.71 7.74 9.79
CA ASN B 183 -20.39 7.70 8.34
C ASN B 183 -19.30 6.65 8.13
N LEU B 184 -19.57 5.71 7.20
CA LEU B 184 -18.70 4.59 6.80
C LEU B 184 -18.18 4.83 5.39
N GLU B 185 -16.87 5.01 5.24
CA GLU B 185 -16.18 4.84 3.95
C GLU B 185 -15.36 3.54 4.02
N ILE B 186 -15.79 2.51 3.30
CA ILE B 186 -15.02 1.24 3.21
C ILE B 186 -13.72 1.52 2.46
N ASP B 187 -12.69 0.70 2.67
CA ASP B 187 -11.35 0.84 2.03
C ASP B 187 -11.55 0.77 0.51
N LEU B 188 -11.08 1.79 -0.22
CA LEU B 188 -11.12 1.81 -1.71
C LEU B 188 -10.49 0.52 -2.20
N VAL B 189 -9.36 0.17 -1.60
CA VAL B 189 -8.50 -0.96 -1.99
C VAL B 189 -9.42 -2.16 -2.26
N ALA B 190 -10.31 -2.46 -1.32
CA ALA B 190 -11.25 -3.59 -1.40
C ALA B 190 -12.10 -3.45 -2.67
N ARG B 191 -12.72 -2.29 -2.87
CA ARG B 191 -13.59 -1.98 -4.04
C ARG B 191 -12.84 -2.28 -5.33
N TYR B 192 -11.57 -1.86 -5.42
CA TYR B 192 -10.69 -2.05 -6.60
C TYR B 192 -10.38 -3.54 -6.76
N LEU B 193 -9.95 -4.19 -5.68
CA LEU B 193 -9.68 -5.65 -5.68
C LEU B 193 -10.92 -6.38 -6.22
N GLU B 194 -12.10 -6.08 -5.67
CA GLU B 194 -13.39 -6.66 -6.07
C GLU B 194 -13.55 -6.57 -7.59
N GLN B 195 -13.14 -5.45 -8.21
CA GLN B 195 -13.23 -5.19 -9.67
C GLN B 195 -12.27 -6.14 -10.43
N LEU B 196 -11.05 -6.37 -9.93
CA LEU B 196 -10.10 -7.33 -10.55
C LEU B 196 -10.70 -8.76 -10.53
N LEU B 197 -11.44 -9.11 -9.49
CA LEU B 197 -12.07 -10.45 -9.30
C LEU B 197 -13.25 -10.63 -10.26
N LYS B 198 -14.13 -9.63 -10.32
CA LYS B 198 -15.40 -9.68 -11.10
C LYS B 198 -15.05 -9.84 -12.58
N SER B 199 -13.94 -9.23 -13.03
CA SER B 199 -13.44 -9.26 -14.43
C SER B 199 -12.98 -10.67 -14.84
N LYS B 200 -12.58 -11.49 -13.86
CA LYS B 200 -12.29 -12.94 -14.05
C LYS B 200 -13.58 -13.79 -13.86
N GLU B 201 -14.75 -13.32 -14.31
CA GLU B 201 -16.06 -14.04 -14.20
C GLU B 201 -17.07 -13.41 -15.16
N MET C 1 5.79 -2.28 -6.33
CA MET C 1 4.33 -2.29 -6.64
C MET C 1 4.08 -1.43 -7.87
N PHE C 2 3.39 -1.98 -8.88
CA PHE C 2 3.08 -1.35 -10.20
C PHE C 2 1.64 -1.72 -10.62
N THR C 3 1.13 -1.01 -11.62
CA THR C 3 -0.23 -1.13 -12.24
C THR C 3 -0.16 -1.85 -13.60
N GLY C 4 1.04 -2.10 -14.12
CA GLY C 4 1.26 -2.66 -15.47
C GLY C 4 0.65 -1.77 -16.54
N LEU C 5 0.68 -0.45 -16.32
CA LEU C 5 0.35 0.57 -17.34
C LEU C 5 1.62 1.38 -17.65
N VAL C 6 2.26 1.06 -18.77
CA VAL C 6 3.57 1.64 -19.19
C VAL C 6 3.43 3.14 -19.40
N GLU C 7 4.23 3.93 -18.70
CA GLU C 7 4.26 5.41 -18.80
C GLU C 7 4.78 5.83 -20.18
N THR C 8 5.99 5.40 -20.52
CA THR C 8 6.67 5.70 -21.80
C THR C 8 7.62 4.55 -22.04
N THR C 9 8.49 4.68 -23.05
CA THR C 9 9.61 3.77 -23.36
C THR C 9 10.92 4.54 -23.29
N GLY C 10 12.05 3.85 -23.29
CA GLY C 10 13.40 4.43 -23.32
C GLY C 10 14.30 3.66 -24.26
N LYS C 11 15.37 4.28 -24.73
CA LYS C 11 16.36 3.69 -25.67
C LYS C 11 17.53 3.21 -24.81
N ILE C 12 17.89 1.94 -24.89
CA ILE C 12 19.13 1.44 -24.22
C ILE C 12 20.28 2.14 -24.94
N LEU C 13 21.14 2.83 -24.21
CA LEU C 13 22.25 3.59 -24.84
C LEU C 13 23.54 2.77 -24.78
N GLU C 14 23.68 2.01 -23.71
CA GLU C 14 25.01 1.51 -23.31
C GLU C 14 24.81 0.26 -22.49
N ILE C 15 25.77 -0.67 -22.57
CA ILE C 15 25.75 -1.94 -21.81
C ILE C 15 27.20 -2.28 -21.38
N GLN C 16 27.48 -2.31 -20.07
CA GLN C 16 28.78 -2.81 -19.53
C GLN C 16 28.59 -4.22 -18.99
N GLU C 17 29.12 -5.25 -19.65
CA GLU C 17 29.27 -6.58 -18.99
C GLU C 17 30.10 -6.32 -17.73
N THR C 18 29.81 -7.04 -16.66
CA THR C 18 30.65 -7.06 -15.44
C THR C 18 30.64 -8.45 -14.79
N ASN C 19 31.48 -8.65 -13.78
CA ASN C 19 31.79 -9.98 -13.19
C ASN C 19 30.52 -10.54 -12.52
N GLU C 20 29.48 -9.70 -12.34
CA GLU C 20 28.23 -10.14 -11.64
C GLU C 20 26.97 -9.80 -12.43
N GLY C 21 27.08 -9.28 -13.65
CA GLY C 21 25.90 -9.08 -14.52
C GLY C 21 26.13 -8.10 -15.63
N ARG C 22 25.12 -7.32 -16.00
CA ARG C 22 25.12 -6.39 -17.14
C ARG C 22 24.66 -5.02 -16.63
N GLY C 23 25.20 -3.94 -17.15
CA GLY C 23 24.97 -2.58 -16.64
C GLY C 23 24.35 -1.71 -17.71
N PHE C 24 23.09 -1.35 -17.55
CA PHE C 24 22.29 -0.68 -18.60
C PHE C 24 22.18 0.82 -18.33
N LEU C 25 22.49 1.64 -19.33
CA LEU C 25 22.11 3.07 -19.34
C LEU C 25 20.90 3.25 -20.26
N VAL C 26 19.88 3.96 -19.79
CA VAL C 26 18.63 4.19 -20.55
C VAL C 26 18.28 5.69 -20.52
N GLU C 27 17.67 6.16 -21.61
CA GLU C 27 17.22 7.55 -21.83
C GLU C 27 15.72 7.52 -22.12
N THR C 28 14.96 8.52 -21.63
CA THR C 28 13.48 8.66 -21.82
C THR C 28 13.02 10.07 -21.43
N LYS C 29 11.76 10.40 -21.75
CA LYS C 29 11.11 11.64 -21.27
C LYS C 29 9.95 11.21 -20.37
N TRP C 30 10.12 11.38 -19.07
CA TRP C 30 9.03 11.11 -18.09
C TRP C 30 8.12 12.30 -18.05
N VAL C 31 6.83 12.06 -17.81
CA VAL C 31 5.94 13.09 -17.19
C VAL C 31 6.34 13.27 -15.72
N GLN C 32 6.65 14.50 -15.30
CA GLN C 32 7.01 14.88 -13.91
C GLN C 32 8.15 14.00 -13.41
N PRO C 33 9.36 14.08 -14.01
CA PRO C 33 10.48 13.20 -13.69
C PRO C 33 10.90 13.34 -12.22
N ASP C 34 10.76 12.26 -11.46
CA ASP C 34 10.89 12.30 -10.00
C ASP C 34 12.04 11.38 -9.59
N LEU C 35 12.81 10.84 -10.52
CA LEU C 35 13.71 9.70 -10.20
C LEU C 35 14.63 10.09 -9.03
N LYS C 36 14.65 9.21 -8.04
CA LYS C 36 15.50 9.26 -6.83
C LYS C 36 16.43 8.07 -6.88
N LEU C 37 17.67 8.21 -6.41
CA LEU C 37 18.63 7.07 -6.25
C LEU C 37 17.93 6.02 -5.38
N GLY C 38 17.72 4.80 -5.87
CA GLY C 38 17.07 3.73 -5.10
C GLY C 38 15.71 3.27 -5.64
N ASP C 39 14.84 4.21 -6.05
CA ASP C 39 13.40 3.89 -6.31
C ASP C 39 13.32 2.89 -7.48
N SER C 40 12.22 2.16 -7.51
CA SER C 40 12.02 0.97 -8.36
C SER C 40 11.46 1.38 -9.72
N ILE C 41 11.75 0.57 -10.75
CA ILE C 41 11.23 0.74 -12.15
C ILE C 41 11.08 -0.62 -12.85
N SER C 42 9.87 -0.91 -13.33
CA SER C 42 9.54 -2.10 -14.15
C SER C 42 9.98 -1.87 -15.59
N VAL C 43 11.17 -2.37 -15.91
CA VAL C 43 11.76 -2.38 -17.28
C VAL C 43 11.27 -3.63 -18.01
N ASN C 44 10.42 -3.45 -19.01
CA ASN C 44 9.69 -4.56 -19.70
C ASN C 44 9.18 -5.54 -18.65
N GLY C 45 8.42 -5.04 -17.66
CA GLY C 45 7.72 -5.86 -16.66
C GLY C 45 8.62 -6.41 -15.58
N CYS C 46 9.89 -5.98 -15.54
CA CYS C 46 10.99 -6.48 -14.65
C CYS C 46 11.46 -5.34 -13.74
N CYS C 47 11.11 -5.41 -12.45
CA CYS C 47 11.54 -4.41 -11.44
C CYS C 47 13.07 -4.38 -11.44
N GLN C 48 13.62 -3.17 -11.59
CA GLN C 48 15.07 -2.90 -11.45
C GLN C 48 15.23 -1.65 -10.57
N THR C 49 16.36 -1.57 -9.87
CA THR C 49 16.60 -0.47 -8.90
C THR C 49 17.63 0.52 -9.48
N VAL C 50 17.34 1.83 -9.35
CA VAL C 50 18.11 2.98 -9.93
C VAL C 50 19.39 3.17 -9.12
N THR C 51 20.56 2.99 -9.77
CA THR C 51 21.91 3.19 -9.18
C THR C 51 22.47 4.57 -9.54
N GLU C 52 21.86 5.26 -10.50
CA GLU C 52 22.27 6.61 -10.92
C GLU C 52 21.17 7.20 -11.80
N PHE C 53 21.06 8.54 -11.82
CA PHE C 53 20.27 9.30 -12.83
C PHE C 53 20.98 10.61 -13.18
N THR C 54 20.88 11.00 -14.45
CA THR C 54 21.91 11.79 -15.17
C THR C 54 21.26 13.11 -15.52
N ASN C 55 19.95 13.23 -15.27
CA ASN C 55 19.22 14.47 -15.62
C ASN C 55 17.87 14.56 -14.93
N GLU C 56 17.85 14.34 -13.61
CA GLU C 56 16.61 14.14 -12.79
C GLU C 56 15.76 13.02 -13.41
N GLY C 57 16.40 12.11 -14.17
CA GLY C 57 15.79 10.87 -14.68
C GLY C 57 15.84 10.75 -16.19
N SER C 58 16.00 11.86 -16.91
CA SER C 58 16.04 11.86 -18.39
C SER C 58 17.00 10.78 -18.89
N ARG C 59 18.10 10.54 -18.17
CA ARG C 59 18.90 9.29 -18.28
C ARG C 59 18.99 8.64 -16.91
N PHE C 60 19.11 7.30 -16.85
CA PHE C 60 19.24 6.53 -15.58
C PHE C 60 19.87 5.17 -15.85
N ARG C 61 20.69 4.70 -14.90
CA ARG C 61 21.41 3.40 -15.00
C ARG C 61 20.82 2.45 -13.97
N PHE C 62 20.81 1.16 -14.32
CA PHE C 62 20.48 0.04 -13.40
C PHE C 62 21.34 -1.18 -13.73
N TYR C 63 21.34 -2.15 -12.83
CA TYR C 63 22.25 -3.31 -12.84
C TYR C 63 21.42 -4.59 -12.65
N ALA C 64 21.61 -5.54 -13.58
CA ALA C 64 20.86 -6.80 -13.65
C ALA C 64 21.83 -7.94 -13.32
N SER C 65 21.52 -8.70 -12.26
CA SER C 65 22.20 -9.96 -11.87
C SER C 65 22.13 -10.99 -13.02
N PHE C 66 23.16 -11.82 -13.10
CA PHE C 66 23.26 -13.02 -13.96
C PHE C 66 21.96 -13.79 -13.91
N LYS C 67 21.39 -13.87 -12.71
CA LYS C 67 20.12 -14.58 -12.47
C LYS C 67 18.99 -13.88 -13.25
N THR C 68 18.83 -12.56 -13.10
CA THR C 68 17.79 -11.77 -13.83
C THR C 68 18.05 -11.89 -15.33
N LEU C 69 19.33 -12.08 -15.71
CA LEU C 69 19.69 -12.35 -17.12
C LEU C 69 19.16 -13.73 -17.57
N GLU C 70 19.26 -14.78 -16.74
CA GLU C 70 18.76 -16.13 -17.12
C GLU C 70 17.23 -16.19 -16.97
N LEU C 71 16.67 -15.48 -15.98
CA LEU C 71 15.21 -15.49 -15.64
C LEU C 71 14.43 -14.81 -16.78
N THR C 72 14.95 -13.72 -17.35
CA THR C 72 14.16 -12.84 -18.25
C THR C 72 14.74 -12.76 -19.67
N ASN C 73 14.12 -11.92 -20.51
CA ASN C 73 14.53 -11.63 -21.91
C ASN C 73 15.72 -10.64 -21.93
N PHE C 74 16.22 -10.23 -20.77
CA PHE C 74 17.30 -9.22 -20.63
C PHE C 74 18.57 -9.70 -21.35
N LYS C 75 18.81 -11.01 -21.39
CA LYS C 75 19.96 -11.63 -22.10
C LYS C 75 20.02 -11.10 -23.54
N PHE C 76 18.87 -10.78 -24.16
CA PHE C 76 18.76 -10.47 -25.61
C PHE C 76 18.72 -8.97 -25.91
N LEU C 77 18.74 -8.12 -24.89
CA LEU C 77 18.66 -6.64 -25.07
C LEU C 77 19.92 -6.18 -25.79
N LYS C 78 19.75 -5.36 -26.83
CA LYS C 78 20.84 -4.80 -27.66
C LYS C 78 20.86 -3.28 -27.46
N VAL C 79 22.02 -2.63 -27.60
CA VAL C 79 22.11 -1.15 -27.56
C VAL C 79 21.11 -0.59 -28.58
N GLY C 80 20.37 0.45 -28.21
CA GLY C 80 19.43 1.15 -29.10
C GLY C 80 17.99 0.70 -28.91
N GLU C 81 17.79 -0.52 -28.38
CA GLU C 81 16.46 -1.20 -28.30
C GLU C 81 15.53 -0.38 -27.41
N GLU C 82 14.27 -0.29 -27.84
CA GLU C 82 13.18 0.45 -27.16
C GLU C 82 12.70 -0.47 -26.04
N VAL C 83 12.43 0.10 -24.87
CA VAL C 83 12.12 -0.68 -23.64
C VAL C 83 10.94 -0.02 -22.94
N ASN C 84 10.02 -0.80 -22.35
CA ASN C 84 8.83 -0.31 -21.61
C ASN C 84 9.22 0.10 -20.18
N LEU C 85 8.77 1.28 -19.76
CA LEU C 85 9.07 1.85 -18.42
C LEU C 85 7.77 2.09 -17.64
N GLU C 86 7.79 1.69 -16.37
CA GLU C 86 6.78 2.12 -15.37
C GLU C 86 7.47 2.26 -14.00
N ARG C 87 7.37 3.45 -13.43
CA ARG C 87 7.78 3.73 -12.02
C ARG C 87 6.79 3.05 -11.07
N SER C 88 7.23 2.70 -9.87
CA SER C 88 6.35 2.20 -8.80
C SER C 88 5.12 3.14 -8.70
N ALA C 89 3.93 2.61 -8.43
CA ALA C 89 2.66 3.37 -8.34
C ALA C 89 2.70 4.39 -7.20
N LEU C 90 1.99 5.51 -7.32
CA LEU C 90 1.82 6.53 -6.24
C LEU C 90 0.48 6.35 -5.53
N PRO C 91 0.33 6.94 -4.33
CA PRO C 91 -0.93 6.84 -3.61
C PRO C 91 -1.92 7.77 -4.33
N THR C 92 -3.12 7.24 -4.51
CA THR C 92 -4.18 7.86 -5.31
C THR C 92 -5.47 7.18 -4.90
N THR C 93 -6.53 7.97 -4.81
CA THR C 93 -7.90 7.50 -4.50
C THR C 93 -8.53 6.93 -5.77
N ARG C 94 -7.93 7.22 -6.94
CA ARG C 94 -8.32 6.61 -8.22
C ARG C 94 -7.35 5.45 -8.42
N LEU C 95 -7.73 4.21 -8.10
CA LEU C 95 -6.91 3.01 -8.41
C LEU C 95 -7.39 2.50 -9.77
N GLY C 96 -6.44 2.37 -10.70
CA GLY C 96 -6.65 1.78 -12.03
C GLY C 96 -5.56 0.79 -12.30
N GLY C 97 -5.60 0.14 -13.46
CA GLY C 97 -4.64 -0.92 -13.84
C GLY C 97 -4.87 -2.21 -13.07
N HIS C 98 -3.84 -3.05 -12.95
CA HIS C 98 -3.86 -4.38 -12.30
C HIS C 98 -2.92 -4.39 -11.09
N LEU C 99 -2.81 -5.53 -10.42
CA LEU C 99 -1.85 -5.70 -9.30
C LEU C 99 -0.59 -6.32 -9.87
N VAL C 100 0.48 -5.54 -10.01
CA VAL C 100 1.70 -5.97 -10.73
C VAL C 100 2.91 -5.83 -9.81
N SER C 101 3.59 -6.96 -9.63
CA SER C 101 4.76 -7.11 -8.73
C SER C 101 5.98 -6.54 -9.44
N GLY C 102 6.06 -6.69 -10.76
CA GLY C 102 7.28 -6.43 -11.53
C GLY C 102 8.25 -7.59 -11.35
N HIS C 103 7.77 -8.74 -10.89
CA HIS C 103 8.55 -9.98 -10.68
C HIS C 103 8.16 -10.97 -11.75
N VAL C 104 9.00 -11.04 -12.76
CA VAL C 104 8.91 -12.00 -13.90
C VAL C 104 8.85 -13.44 -13.36
N ASP C 105 7.84 -14.18 -13.86
CA ASP C 105 7.55 -15.61 -13.57
C ASP C 105 7.98 -16.48 -14.76
N GLY C 106 9.05 -16.17 -15.50
CA GLY C 106 9.37 -16.88 -16.76
C GLY C 106 9.01 -16.07 -18.01
N THR C 107 9.25 -16.64 -19.18
CA THR C 107 9.22 -15.89 -20.47
C THR C 107 8.34 -16.66 -21.46
N GLY C 108 8.04 -16.07 -22.61
CA GLY C 108 7.19 -16.66 -23.66
C GLY C 108 7.55 -16.14 -25.02
N LYS C 109 7.55 -16.99 -26.04
CA LYS C 109 7.84 -16.53 -27.42
C LYS C 109 6.50 -16.38 -28.17
N ILE C 110 6.42 -15.34 -29.01
CA ILE C 110 5.27 -15.11 -29.94
C ILE C 110 5.24 -16.25 -30.96
N LEU C 111 4.09 -16.89 -31.10
CA LEU C 111 3.89 -17.96 -32.11
C LEU C 111 3.24 -17.33 -33.35
N SER C 112 2.11 -16.66 -33.16
CA SER C 112 1.30 -16.13 -34.28
C SER C 112 1.00 -14.65 -34.05
N LYS C 113 0.87 -13.90 -35.13
CA LYS C 113 0.23 -12.57 -35.19
C LYS C 113 -1.02 -12.69 -36.07
N GLU C 114 -1.90 -11.71 -36.00
CA GLU C 114 -3.03 -11.53 -36.95
C GLU C 114 -3.63 -10.13 -36.75
N GLU C 115 -4.13 -9.53 -37.83
CA GLU C 115 -4.78 -8.20 -37.82
C GLU C 115 -6.26 -8.36 -38.23
N ARG C 116 -7.13 -8.64 -37.26
CA ARG C 116 -8.62 -8.72 -37.46
C ARG C 116 -9.22 -7.30 -37.43
N GLU C 117 -10.42 -7.12 -37.99
CA GLU C 117 -11.05 -5.80 -38.25
C GLU C 117 -10.03 -4.87 -38.94
N GLY C 118 -9.22 -5.44 -39.86
CA GLY C 118 -8.29 -4.73 -40.76
C GLY C 118 -7.32 -3.81 -40.02
N GLY C 119 -6.74 -4.28 -38.92
CA GLY C 119 -5.68 -3.56 -38.18
C GLY C 119 -6.23 -2.67 -37.07
N ALA C 120 -7.40 -3.00 -36.53
CA ALA C 120 -8.00 -2.35 -35.34
C ALA C 120 -7.60 -3.15 -34.09
N VAL C 121 -7.28 -4.43 -34.27
CA VAL C 121 -7.01 -5.38 -33.16
C VAL C 121 -5.97 -6.39 -33.63
N ILE C 122 -4.89 -6.53 -32.87
CA ILE C 122 -3.76 -7.44 -33.22
C ILE C 122 -3.88 -8.67 -32.31
N CYS C 123 -3.83 -9.86 -32.92
CA CYS C 123 -4.16 -11.14 -32.25
C CYS C 123 -2.88 -11.96 -32.13
N TYR C 124 -2.20 -11.82 -30.99
CA TYR C 124 -0.96 -12.54 -30.67
C TYR C 124 -1.32 -13.86 -29.99
N THR C 125 -0.51 -14.89 -30.24
CA THR C 125 -0.49 -16.16 -29.46
C THR C 125 0.91 -16.37 -28.91
N VAL C 126 1.01 -16.78 -27.64
CA VAL C 126 2.29 -16.82 -26.89
C VAL C 126 2.43 -18.14 -26.15
N GLN C 127 3.62 -18.72 -26.27
CA GLN C 127 4.03 -20.00 -25.65
C GLN C 127 4.28 -19.74 -24.16
N ASN C 128 3.81 -20.61 -23.28
CA ASN C 128 4.11 -20.46 -21.84
C ASN C 128 4.51 -21.82 -21.28
N ASP C 129 5.44 -21.83 -20.34
CA ASP C 129 5.72 -23.06 -19.57
C ASP C 129 4.41 -23.57 -18.99
N PRO C 130 4.13 -24.89 -19.02
CA PRO C 130 2.83 -25.41 -18.64
C PRO C 130 2.60 -25.27 -17.13
N SER C 131 3.65 -25.04 -16.35
CA SER C 131 3.50 -24.82 -14.88
C SER C 131 2.69 -23.54 -14.67
N LEU C 132 2.80 -22.59 -15.60
CA LEU C 132 2.08 -21.29 -15.52
C LEU C 132 0.63 -21.44 -15.98
N SER C 133 0.35 -22.37 -16.90
CA SER C 133 -1.00 -22.56 -17.50
C SER C 133 -2.08 -22.40 -16.42
N ARG C 134 -1.84 -22.91 -15.21
CA ARG C 134 -2.78 -22.94 -14.05
C ARG C 134 -3.26 -21.53 -13.63
N TYR C 135 -2.39 -20.55 -13.84
CA TYR C 135 -2.56 -19.13 -13.42
C TYR C 135 -3.14 -18.33 -14.58
N ILE C 136 -3.28 -18.94 -15.76
CA ILE C 136 -3.65 -18.21 -17.01
C ILE C 136 -5.09 -18.57 -17.40
N ALA C 137 -6.04 -17.77 -16.94
CA ALA C 137 -7.49 -17.98 -17.15
C ALA C 137 -7.99 -17.09 -18.28
N PRO C 138 -8.76 -17.64 -19.25
CA PRO C 138 -9.58 -16.84 -20.16
C PRO C 138 -10.41 -15.78 -19.43
N ARG C 139 -10.42 -14.57 -19.99
CA ARG C 139 -11.04 -13.35 -19.41
C ARG C 139 -10.25 -12.92 -18.17
N GLY C 140 -9.16 -13.62 -17.78
CA GLY C 140 -8.28 -13.20 -16.67
C GLY C 140 -7.21 -12.21 -17.14
N SER C 141 -6.39 -11.66 -16.24
CA SER C 141 -5.33 -10.70 -16.63
C SER C 141 -3.97 -11.41 -16.67
N ILE C 142 -2.96 -10.71 -17.18
CA ILE C 142 -1.52 -11.12 -17.23
C ILE C 142 -0.66 -9.90 -17.61
N THR C 143 0.62 -9.89 -17.29
CA THR C 143 1.48 -8.70 -17.52
C THR C 143 2.66 -9.10 -18.39
N VAL C 144 2.61 -8.70 -19.66
CA VAL C 144 3.53 -9.13 -20.75
C VAL C 144 4.49 -7.98 -21.05
N ASP C 145 5.79 -8.21 -20.90
CA ASP C 145 6.81 -7.13 -20.98
C ASP C 145 6.27 -5.90 -20.24
N GLY C 146 5.69 -6.11 -19.05
CA GLY C 146 5.19 -5.05 -18.16
C GLY C 146 3.89 -4.39 -18.64
N ILE C 147 3.30 -4.84 -19.75
CA ILE C 147 1.99 -4.33 -20.26
C ILE C 147 0.87 -5.22 -19.71
N SER C 148 0.00 -4.66 -18.85
CA SER C 148 -1.11 -5.45 -18.28
C SER C 148 -2.16 -5.64 -19.38
N LEU C 149 -2.58 -6.89 -19.57
CA LEU C 149 -3.47 -7.32 -20.69
C LEU C 149 -4.40 -8.44 -20.20
N THR C 150 -5.53 -8.65 -20.87
CA THR C 150 -6.50 -9.72 -20.51
C THR C 150 -6.32 -10.91 -21.45
N VAL C 151 -6.17 -12.09 -20.90
CA VAL C 151 -6.02 -13.35 -21.68
C VAL C 151 -7.35 -13.61 -22.35
N VAL C 152 -7.34 -13.89 -23.65
CA VAL C 152 -8.60 -14.09 -24.44
C VAL C 152 -9.00 -15.56 -24.32
N ASP C 153 -8.06 -16.44 -24.61
CA ASP C 153 -8.18 -17.89 -24.32
C ASP C 153 -6.77 -18.37 -23.95
N SER C 154 -6.70 -19.47 -23.21
CA SER C 154 -5.45 -20.13 -22.80
C SER C 154 -5.60 -21.62 -23.06
N ARG C 155 -4.53 -22.22 -23.55
CA ARG C 155 -4.36 -23.68 -23.59
C ARG C 155 -3.16 -24.02 -22.69
N PRO C 156 -2.97 -25.32 -22.39
CA PRO C 156 -1.68 -25.77 -21.85
C PRO C 156 -0.64 -25.46 -22.93
N LYS C 157 0.44 -24.77 -22.58
CA LYS C 157 1.60 -24.47 -23.47
C LYS C 157 1.29 -23.25 -24.37
N GLU C 158 0.15 -22.57 -24.25
CA GLU C 158 -0.06 -21.27 -24.99
C GLU C 158 -1.26 -20.50 -24.44
N PHE C 159 -1.37 -19.23 -24.84
CA PHE C 159 -2.54 -18.36 -24.59
C PHE C 159 -2.63 -17.33 -25.71
N ASP C 160 -3.80 -16.72 -25.85
CA ASP C 160 -4.12 -15.70 -26.89
C ASP C 160 -4.30 -14.31 -26.26
N LEU C 161 -3.85 -13.28 -26.97
CA LEU C 161 -4.02 -11.85 -26.60
C LEU C 161 -4.64 -11.08 -27.77
N VAL C 162 -5.27 -9.97 -27.43
CA VAL C 162 -5.72 -8.95 -28.42
C VAL C 162 -5.31 -7.56 -27.92
N LEU C 163 -4.78 -6.71 -28.81
CA LEU C 163 -4.33 -5.32 -28.48
C LEU C 163 -5.00 -4.28 -29.40
N ILE C 164 -5.51 -3.17 -28.85
CA ILE C 164 -5.68 -1.88 -29.59
C ILE C 164 -4.26 -1.31 -29.77
N PRO C 165 -3.91 -0.80 -30.97
CA PRO C 165 -2.60 -0.18 -31.16
C PRO C 165 -2.45 1.17 -30.44
N GLU C 166 -3.50 1.69 -29.81
CA GLU C 166 -3.45 2.77 -28.78
C GLU C 166 -2.60 2.32 -27.56
N THR C 167 -2.16 1.06 -27.51
CA THR C 167 -1.08 0.52 -26.65
C THR C 167 0.20 0.33 -27.50
N LEU C 168 0.07 -0.28 -28.69
CA LEU C 168 1.21 -0.74 -29.54
C LEU C 168 2.15 0.42 -29.93
N LYS C 169 1.62 1.62 -30.18
CA LYS C 169 2.43 2.79 -30.61
C LYS C 169 3.12 3.41 -29.39
N LYS C 170 2.49 3.34 -28.21
CA LYS C 170 2.97 4.04 -26.98
C LYS C 170 3.91 3.11 -26.17
N THR C 171 4.11 1.88 -26.62
CA THR C 171 4.96 0.86 -25.95
C THR C 171 5.95 0.26 -26.95
N ASN C 172 6.70 -0.77 -26.50
CA ASN C 172 7.67 -1.54 -27.33
C ASN C 172 6.92 -2.58 -28.17
N ALA C 173 5.60 -2.72 -28.02
CA ALA C 173 4.79 -3.75 -28.70
C ALA C 173 4.87 -3.58 -30.23
N LYS C 174 5.03 -2.34 -30.73
CA LYS C 174 5.45 -2.05 -32.13
C LYS C 174 6.36 -3.15 -32.68
N SER C 175 7.42 -3.49 -31.93
CA SER C 175 8.54 -4.33 -32.42
C SER C 175 8.37 -5.79 -32.00
N TRP C 176 7.15 -6.19 -31.62
CA TRP C 176 6.78 -7.62 -31.46
C TRP C 176 6.57 -8.23 -32.85
N ASN C 177 7.32 -9.27 -33.18
CA ASN C 177 7.10 -10.10 -34.39
C ASN C 177 7.75 -11.47 -34.16
N SER C 178 7.77 -12.32 -35.17
CA SER C 178 8.39 -13.67 -35.14
C SER C 178 7.98 -14.33 -33.82
N ASP C 179 8.98 -14.67 -33.01
CA ASP C 179 8.82 -15.18 -31.64
C ASP C 179 9.32 -14.14 -30.61
N THR C 180 9.68 -12.91 -31.01
CA THR C 180 10.54 -11.99 -30.20
C THR C 180 10.05 -11.95 -28.75
N ILE C 181 10.93 -12.22 -27.78
CA ILE C 181 10.63 -12.94 -26.50
C ILE C 181 10.06 -11.96 -25.47
N LEU C 182 9.13 -12.44 -24.63
CA LEU C 182 8.34 -11.58 -23.72
C LEU C 182 8.53 -12.04 -22.26
N ASN C 183 8.68 -11.08 -21.34
CA ASN C 183 8.63 -11.34 -19.88
C ASN C 183 7.15 -11.50 -19.48
N LEU C 184 6.84 -12.60 -18.78
CA LEU C 184 5.46 -12.96 -18.31
C LEU C 184 5.40 -12.84 -16.79
N GLU C 185 4.56 -11.93 -16.29
CA GLU C 185 4.12 -11.95 -14.86
C GLU C 185 2.65 -12.36 -14.80
N ILE C 186 2.37 -13.56 -14.31
CA ILE C 186 0.97 -14.04 -14.12
C ILE C 186 0.32 -13.18 -13.03
N ASP C 187 -1.01 -13.14 -13.02
CA ASP C 187 -1.84 -12.40 -12.05
C ASP C 187 -1.45 -12.78 -10.62
N LEU C 188 -1.03 -11.83 -9.77
CA LEU C 188 -0.71 -12.13 -8.36
C LEU C 188 -1.98 -12.65 -7.71
N VAL C 189 -3.07 -11.97 -8.02
CA VAL C 189 -4.41 -12.25 -7.45
C VAL C 189 -4.59 -13.77 -7.47
N ALA C 190 -4.36 -14.41 -8.62
CA ALA C 190 -4.50 -15.87 -8.82
C ALA C 190 -3.69 -16.61 -7.77
N ARG C 191 -2.38 -16.28 -7.68
CA ARG C 191 -1.39 -16.88 -6.73
C ARG C 191 -1.99 -16.85 -5.32
N TYR C 192 -2.53 -15.70 -4.91
CA TYR C 192 -3.09 -15.45 -3.56
C TYR C 192 -4.35 -16.30 -3.38
N LEU C 193 -5.28 -16.22 -4.34
CA LEU C 193 -6.53 -17.03 -4.31
C LEU C 193 -6.16 -18.50 -4.07
N GLU C 194 -5.27 -19.01 -4.92
CA GLU C 194 -4.82 -20.42 -4.90
C GLU C 194 -4.36 -20.80 -3.48
N GLN C 195 -3.64 -19.89 -2.81
CA GLN C 195 -3.03 -20.08 -1.46
C GLN C 195 -4.15 -20.13 -0.42
N LEU C 196 -5.19 -19.30 -0.55
CA LEU C 196 -6.33 -19.31 0.40
C LEU C 196 -7.07 -20.65 0.32
N LEU C 197 -7.11 -21.27 -0.87
CA LEU C 197 -7.80 -22.57 -1.11
C LEU C 197 -6.96 -23.71 -0.52
N LYS C 198 -5.65 -23.72 -0.80
CA LYS C 198 -4.68 -24.76 -0.36
C LYS C 198 -4.79 -24.89 1.17
N SER C 199 -4.82 -23.74 1.87
CA SER C 199 -4.72 -23.64 3.33
C SER C 199 -6.06 -24.01 4.00
N LYS C 200 -7.12 -24.24 3.23
CA LYS C 200 -8.41 -24.79 3.74
C LYS C 200 -8.39 -26.34 3.80
N GLU C 201 -7.47 -27.03 3.10
CA GLU C 201 -7.21 -28.51 3.24
C GLU C 201 -7.29 -29.21 1.86
C1 PEG D . -30.15 9.61 17.08
O1 PEG D . -30.14 11.01 17.42
C2 PEG D . -28.75 8.94 17.06
O2 PEG D . -27.76 9.70 16.35
C3 PEG D . -26.74 10.25 17.19
C4 PEG D . -25.84 11.11 16.36
O4 PEG D . -25.59 10.52 15.13
C1 PEG E . -3.25 13.60 -4.76
O1 PEG E . -1.91 14.09 -4.66
C2 PEG E . -3.90 13.92 -6.08
O2 PEG E . -4.88 12.94 -6.41
C3 PEG E . -6.21 13.33 -6.07
C4 PEG E . -7.07 12.09 -5.93
O4 PEG E . -6.59 10.98 -6.70
#